data_3NH6
#
_entry.id   3NH6
#
_cell.length_a   57.229
_cell.length_b   68.609
_cell.length_c   76.537
_cell.angle_alpha   90.00
_cell.angle_beta   90.00
_cell.angle_gamma   90.00
#
_symmetry.space_group_name_H-M   'P 21 21 21'
#
loop_
_entity.id
_entity.type
_entity.pdbx_description
1 polymer 'ATP-binding cassette sub-family B member 6, mitochondrial'
2 non-polymer BETA-MERCAPTOETHANOL
3 water water
#
_entity_poly.entity_id   1
_entity_poly.type   'polypeptide(L)'
_entity_poly.pdbx_seq_one_letter_code
;MGSSHHHHHHSSGLVPRGSHMFIDMENMFDLLKEETEVKDLPGAGPLRFQKGRIEFENVHFSYADGRETLQDVSFTVMPG
QTLALVGPSGAGKSTILRLLFRFYDISSGCIRIDGQDISQVTQASLRSHIGVVPQDTVLFNDTIADNIRYGRVTAGNDEV
EAAAQAAGIHDAIMAFPEGYRTQVGERGLKLSGGEKQRVAIARTILKAPGIILLDEATSALDTSNERAIQASLAKVCANR
TTIVVAHRLSTVVNADQILVIKDGCIVERGRHEALLSRGGVYADMWQLQQGQEETSEDTKPQTMER
;
_entity_poly.pdbx_strand_id   A
#
loop_
_chem_comp.id
_chem_comp.type
_chem_comp.name
_chem_comp.formula
BME non-polymer BETA-MERCAPTOETHANOL 'C2 H6 O S'
#
# COMPACT_ATOMS: atom_id res chain seq x y z
N SER A 19 -34.18 -34.41 -4.32
CA SER A 19 -33.98 -33.90 -5.72
C SER A 19 -32.56 -33.41 -5.97
N HIS A 20 -31.78 -33.31 -4.87
CA HIS A 20 -30.32 -33.04 -4.91
C HIS A 20 -29.55 -34.36 -4.92
N MET A 21 -30.27 -35.43 -5.20
CA MET A 21 -29.65 -36.73 -5.41
C MET A 21 -28.73 -36.68 -6.62
N PHE A 22 -28.81 -35.62 -7.43
CA PHE A 22 -27.93 -35.51 -8.61
C PHE A 22 -26.69 -34.62 -8.43
N ILE A 23 -26.56 -33.97 -7.30
CA ILE A 23 -25.42 -33.13 -6.99
C ILE A 23 -24.13 -33.99 -6.94
N ASP A 24 -23.07 -33.50 -7.59
CA ASP A 24 -21.72 -34.07 -7.46
C ASP A 24 -20.96 -33.26 -6.35
N MET A 25 -20.76 -33.87 -5.21
CA MET A 25 -20.04 -33.24 -4.13
C MET A 25 -18.63 -32.75 -4.53
N GLU A 26 -17.89 -33.56 -5.32
CA GLU A 26 -16.59 -33.11 -5.77
C GLU A 26 -16.65 -31.77 -6.53
N ASN A 27 -17.61 -31.64 -7.46
CA ASN A 27 -17.84 -30.39 -8.15
C ASN A 27 -18.19 -29.24 -7.19
N MET A 28 -19.00 -29.48 -6.16
CA MET A 28 -19.31 -28.41 -5.16
C MET A 28 -18.04 -27.96 -4.43
N PHE A 29 -17.21 -28.91 -4.01
CA PHE A 29 -15.92 -28.58 -3.41
C PHE A 29 -15.00 -27.82 -4.39
N ASP A 30 -15.00 -28.18 -5.69
CA ASP A 30 -14.19 -27.43 -6.71
C ASP A 30 -14.69 -25.98 -6.85
N LEU A 31 -16.01 -25.81 -6.80
CA LEU A 31 -16.61 -24.49 -6.92
C LEU A 31 -16.43 -23.67 -5.64
N LEU A 32 -16.42 -24.33 -4.49
CA LEU A 32 -16.16 -23.65 -3.22
C LEU A 32 -14.75 -23.06 -3.22
N LYS A 33 -13.79 -23.89 -3.63
CA LYS A 33 -12.39 -23.57 -3.73
C LYS A 33 -12.17 -22.34 -4.64
N GLU A 34 -12.81 -22.30 -5.81
CA GLU A 34 -12.74 -21.15 -6.72
C GLU A 34 -13.20 -19.85 -6.04
N GLU A 35 -14.37 -19.89 -5.40
CA GLU A 35 -14.98 -18.74 -4.75
C GLU A 35 -14.19 -18.23 -3.53
N THR A 36 -13.62 -19.14 -2.76
CA THR A 36 -13.14 -18.79 -1.41
C THR A 36 -11.64 -18.74 -1.23
N GLU A 37 -10.91 -19.34 -2.16
CA GLU A 37 -9.45 -19.34 -2.07
C GLU A 37 -8.85 -18.41 -3.15
N VAL A 38 -7.84 -17.63 -2.79
CA VAL A 38 -7.14 -16.82 -3.77
C VAL A 38 -6.03 -17.64 -4.40
N LYS A 39 -6.33 -18.25 -5.54
CA LYS A 39 -5.40 -19.13 -6.23
C LYS A 39 -5.11 -18.54 -7.59
N ASP A 40 -3.93 -18.85 -8.14
CA ASP A 40 -3.63 -18.61 -9.54
C ASP A 40 -4.52 -19.47 -10.45
N LEU A 41 -4.97 -18.90 -11.56
CA LEU A 41 -5.57 -19.69 -12.64
C LEU A 41 -4.60 -20.70 -13.25
N PRO A 42 -5.09 -21.91 -13.60
CA PRO A 42 -4.23 -22.87 -14.30
C PRO A 42 -3.63 -22.21 -15.54
N GLY A 43 -2.30 -22.28 -15.66
CA GLY A 43 -1.59 -21.64 -16.77
C GLY A 43 -1.53 -20.12 -16.77
N ALA A 44 -1.75 -19.49 -15.61
CA ALA A 44 -1.50 -18.04 -15.47
C ALA A 44 -0.02 -17.77 -15.77
N GLY A 45 0.25 -16.70 -16.50
CA GLY A 45 1.62 -16.29 -16.82
C GLY A 45 1.97 -15.06 -15.98
N PRO A 46 3.24 -14.58 -16.05
CA PRO A 46 3.68 -13.40 -15.27
C PRO A 46 2.94 -12.16 -15.70
N LEU A 47 2.70 -11.26 -14.76
CA LEU A 47 2.22 -9.93 -15.12
C LEU A 47 3.24 -9.29 -16.04
N ARG A 48 2.81 -8.70 -17.16
CA ARG A 48 3.77 -7.98 -18.03
C ARG A 48 3.79 -6.53 -17.59
N PHE A 49 4.72 -6.21 -16.70
CA PHE A 49 4.70 -4.91 -16.06
C PHE A 49 5.39 -3.91 -16.95
N GLN A 50 4.70 -2.80 -17.22
CA GLN A 50 5.23 -1.79 -18.12
C GLN A 50 5.52 -0.53 -17.35
N LYS A 51 4.52 0.23 -17.00
CA LYS A 51 4.70 1.53 -16.36
C LYS A 51 3.87 1.66 -15.08
N GLY A 52 3.08 0.64 -14.80
CA GLY A 52 2.32 0.62 -13.56
C GLY A 52 1.05 1.47 -13.58
N ARG A 53 0.38 1.62 -14.72
CA ARG A 53 -0.99 2.17 -14.72
C ARG A 53 -1.95 1.22 -13.93
N ILE A 54 -2.75 1.75 -13.01
CA ILE A 54 -3.73 0.94 -12.24
C ILE A 54 -5.14 1.36 -12.62
N GLU A 55 -6.02 0.38 -12.84
CA GLU A 55 -7.42 0.71 -13.03
C GLU A 55 -8.30 -0.15 -12.10
N PHE A 56 -9.23 0.49 -11.41
CA PHE A 56 -10.35 -0.23 -10.78
C PHE A 56 -11.56 0.11 -11.58
N GLU A 57 -12.31 -0.89 -12.05
CA GLU A 57 -13.47 -0.65 -12.86
C GLU A 57 -14.70 -1.30 -12.19
N ASN A 58 -15.65 -0.47 -11.71
CA ASN A 58 -16.91 -0.94 -11.07
C ASN A 58 -16.67 -2.04 -10.00
N VAL A 59 -15.61 -1.87 -9.22
CA VAL A 59 -15.21 -2.84 -8.23
C VAL A 59 -16.14 -2.86 -7.05
N HIS A 60 -16.64 -4.05 -6.73
CA HIS A 60 -17.41 -4.28 -5.51
C HIS A 60 -16.65 -5.34 -4.67
N PHE A 61 -16.71 -5.21 -3.35
CA PHE A 61 -16.15 -6.20 -2.42
C PHE A 61 -17.17 -6.40 -1.31
N SER A 62 -17.66 -7.63 -1.19
CA SER A 62 -18.64 -8.02 -0.22
C SER A 62 -18.12 -9.32 0.40
N TYR A 63 -18.10 -9.44 1.72
CA TYR A 63 -17.65 -10.73 2.30
C TYR A 63 -18.74 -11.66 2.82
N ALA A 64 -19.99 -11.26 2.58
CA ALA A 64 -21.17 -12.09 2.79
C ALA A 64 -22.41 -11.34 2.31
N ASP A 65 -23.56 -12.00 2.38
CA ASP A 65 -24.88 -11.44 2.10
C ASP A 65 -25.13 -10.11 2.84
N GLY A 66 -25.11 -8.99 2.09
CA GLY A 66 -25.44 -7.65 2.63
C GLY A 66 -24.21 -6.91 3.10
N ARG A 67 -23.13 -7.68 3.28
CA ARG A 67 -21.89 -7.17 3.87
CA ARG A 67 -21.86 -7.25 3.86
C ARG A 67 -20.92 -6.54 2.85
N GLU A 68 -21.39 -5.45 2.22
CA GLU A 68 -20.59 -4.73 1.16
C GLU A 68 -19.63 -3.58 1.61
N THR A 69 -18.33 -3.86 1.64
CA THR A 69 -17.38 -2.87 2.13
C THR A 69 -16.80 -1.93 1.04
N LEU A 70 -16.91 -2.33 -0.24
CA LEU A 70 -16.62 -1.42 -1.36
C LEU A 70 -17.76 -1.58 -2.35
N GLN A 71 -18.24 -0.46 -2.88
CA GLN A 71 -19.40 -0.49 -3.77
C GLN A 71 -19.12 0.36 -5.05
N ASP A 72 -19.04 -0.32 -6.20
CA ASP A 72 -18.91 0.34 -7.51
C ASP A 72 -17.76 1.34 -7.47
N VAL A 73 -16.58 0.86 -7.14
CA VAL A 73 -15.42 1.74 -7.04
C VAL A 73 -14.66 1.71 -8.36
N SER A 74 -14.59 2.87 -9.01
CA SER A 74 -13.80 3.03 -10.24
C SER A 74 -12.85 4.20 -10.15
N PHE A 75 -11.64 4.00 -10.63
CA PHE A 75 -10.62 5.08 -10.70
C PHE A 75 -9.47 4.58 -11.51
N THR A 76 -8.65 5.51 -11.99
CA THR A 76 -7.46 5.19 -12.76
C THR A 76 -6.31 5.97 -12.11
N VAL A 77 -5.17 5.31 -11.87
CA VAL A 77 -3.95 6.01 -11.45
C VAL A 77 -2.99 5.81 -12.60
N MET A 78 -2.64 6.92 -13.27
CA MET A 78 -1.72 6.87 -14.41
CA MET A 78 -1.71 6.89 -14.41
C MET A 78 -0.28 6.60 -13.92
N PRO A 79 0.59 6.04 -14.80
CA PRO A 79 1.92 5.62 -14.33
C PRO A 79 2.67 6.70 -13.57
N GLY A 80 3.27 6.37 -12.43
CA GLY A 80 4.09 7.41 -11.71
C GLY A 80 3.27 8.41 -10.87
N GLN A 81 1.95 8.33 -10.96
CA GLN A 81 1.15 9.29 -10.23
C GLN A 81 0.83 8.79 -8.85
N THR A 82 0.42 9.71 -7.98
CA THR A 82 -0.01 9.28 -6.65
CA THR A 82 0.00 9.33 -6.63
C THR A 82 -1.50 9.54 -6.42
N LEU A 83 -2.14 8.62 -5.73
CA LEU A 83 -3.56 8.71 -5.43
C LEU A 83 -3.71 8.60 -3.90
N ALA A 84 -4.34 9.58 -3.25
CA ALA A 84 -4.54 9.56 -1.81
C ALA A 84 -5.99 9.14 -1.57
N LEU A 85 -6.15 8.16 -0.68
CA LEU A 85 -7.48 7.72 -0.17
C LEU A 85 -7.76 8.34 1.16
N VAL A 86 -8.90 9.04 1.29
CA VAL A 86 -9.16 9.81 2.52
C VAL A 86 -10.63 9.60 2.87
N GLY A 87 -11.01 9.94 4.08
CA GLY A 87 -12.43 9.83 4.44
C GLY A 87 -12.46 9.37 5.90
N PRO A 88 -13.68 9.20 6.44
CA PRO A 88 -13.80 8.79 7.83
C PRO A 88 -13.24 7.36 8.04
N SER A 89 -13.15 6.92 9.30
CA SER A 89 -12.69 5.56 9.58
C SER A 89 -13.63 4.59 8.90
N GLY A 90 -13.04 3.52 8.40
CA GLY A 90 -13.77 2.52 7.68
C GLY A 90 -12.80 1.62 6.97
N ALA A 91 -13.32 0.43 6.64
CA ALA A 91 -12.46 -0.61 6.10
C ALA A 91 -12.23 -0.44 4.61
N GLY A 92 -13.08 0.34 3.93
CA GLY A 92 -12.98 0.56 2.49
C GLY A 92 -11.60 0.99 2.00
N LYS A 93 -11.01 1.98 2.66
CA LYS A 93 -9.73 2.52 2.15
C LYS A 93 -8.65 1.44 2.12
N SER A 94 -8.48 0.70 3.21
CA SER A 94 -7.40 -0.28 3.20
C SER A 94 -7.77 -1.56 2.44
N THR A 95 -9.07 -1.82 2.26
CA THR A 95 -9.49 -2.90 1.37
C THR A 95 -9.00 -2.65 -0.05
N ILE A 96 -9.03 -1.39 -0.52
CA ILE A 96 -8.51 -1.06 -1.85
C ILE A 96 -7.03 -1.48 -1.96
N LEU A 97 -6.22 -1.21 -0.92
CA LEU A 97 -4.82 -1.63 -0.97
C LEU A 97 -4.76 -3.15 -1.00
N ARG A 98 -5.50 -3.81 -0.11
CA ARG A 98 -5.50 -5.29 -0.08
C ARG A 98 -5.87 -5.93 -1.43
N LEU A 99 -6.82 -5.33 -2.14
CA LEU A 99 -7.31 -5.92 -3.37
C LEU A 99 -6.25 -5.77 -4.45
N LEU A 100 -5.58 -4.63 -4.48
CA LEU A 100 -4.51 -4.43 -5.49
C LEU A 100 -3.39 -5.46 -5.33
N PHE A 101 -3.21 -5.88 -4.08
CA PHE A 101 -2.24 -6.90 -3.71
C PHE A 101 -2.83 -8.30 -3.93
N ARG A 102 -4.10 -8.35 -4.35
CA ARG A 102 -4.87 -9.62 -4.42
C ARG A 102 -4.76 -10.41 -3.12
N PHE A 103 -4.88 -9.72 -2.00
CA PHE A 103 -4.99 -10.42 -0.73
C PHE A 103 -6.39 -11.10 -0.62
N TYR A 104 -7.41 -10.45 -1.19
CA TYR A 104 -8.73 -11.02 -1.45
C TYR A 104 -8.99 -10.89 -2.94
N ASP A 105 -9.89 -11.73 -3.45
CA ASP A 105 -10.49 -11.49 -4.78
C ASP A 105 -11.66 -10.52 -4.67
N ILE A 106 -11.97 -9.86 -5.77
CA ILE A 106 -13.13 -8.92 -5.80
C ILE A 106 -14.43 -9.66 -6.04
N SER A 107 -15.56 -9.08 -5.59
CA SER A 107 -16.87 -9.72 -5.79
C SER A 107 -17.37 -9.47 -7.19
N SER A 108 -17.05 -8.31 -7.76
CA SER A 108 -17.41 -8.01 -9.18
C SER A 108 -16.62 -6.79 -9.64
N GLY A 109 -16.63 -6.52 -10.96
CA GLY A 109 -15.81 -5.44 -11.55
C GLY A 109 -14.49 -6.03 -12.00
N CYS A 110 -13.46 -5.20 -12.15
CA CYS A 110 -12.16 -5.68 -12.60
C CYS A 110 -11.07 -4.73 -12.11
N ILE A 111 -9.92 -5.30 -11.74
CA ILE A 111 -8.79 -4.48 -11.36
C ILE A 111 -7.71 -4.84 -12.37
N ARG A 112 -7.10 -3.84 -12.99
CA ARG A 112 -6.10 -4.09 -14.03
CA ARG A 112 -6.10 -4.10 -14.02
C ARG A 112 -4.83 -3.32 -13.73
N ILE A 113 -3.70 -3.93 -14.01
CA ILE A 113 -2.43 -3.22 -14.02
C ILE A 113 -1.90 -3.32 -15.45
N ASP A 114 -1.54 -2.17 -15.99
CA ASP A 114 -1.07 -2.09 -17.37
C ASP A 114 -1.98 -2.86 -18.31
N GLY A 115 -3.30 -2.70 -18.13
CA GLY A 115 -4.28 -3.29 -19.01
C GLY A 115 -4.62 -4.73 -18.64
N GLN A 116 -3.92 -5.33 -17.68
CA GLN A 116 -4.08 -6.77 -17.42
C GLN A 116 -4.82 -7.04 -16.12
N ASP A 117 -5.88 -7.84 -16.24
CA ASP A 117 -6.67 -8.29 -15.09
C ASP A 117 -5.75 -9.05 -14.08
N ILE A 118 -5.55 -8.46 -12.89
CA ILE A 118 -4.61 -9.03 -11.91
C ILE A 118 -4.98 -10.41 -11.34
N SER A 119 -6.24 -10.80 -11.51
CA SER A 119 -6.68 -12.15 -11.10
C SER A 119 -6.26 -13.23 -12.14
N GLN A 120 -5.82 -12.79 -13.32
CA GLN A 120 -5.49 -13.70 -14.43
C GLN A 120 -3.99 -13.98 -14.54
N VAL A 121 -3.19 -13.34 -13.69
CA VAL A 121 -1.73 -13.52 -13.68
C VAL A 121 -1.28 -14.28 -12.42
N THR A 122 -0.01 -14.63 -12.33
CA THR A 122 0.51 -15.27 -11.09
C THR A 122 0.59 -14.23 -9.96
N GLN A 123 0.11 -14.59 -8.77
CA GLN A 123 0.16 -13.65 -7.63
C GLN A 123 1.61 -13.32 -7.31
N ALA A 124 2.47 -14.33 -7.38
CA ALA A 124 3.90 -14.11 -7.22
C ALA A 124 4.42 -12.97 -8.11
N SER A 125 4.11 -13.01 -9.40
CA SER A 125 4.56 -11.97 -10.32
C SER A 125 3.95 -10.62 -9.97
N LEU A 126 2.63 -10.63 -9.72
CA LEU A 126 1.94 -9.44 -9.30
C LEU A 126 2.67 -8.76 -8.11
N ARG A 127 3.01 -9.54 -7.10
CA ARG A 127 3.53 -8.98 -5.86
C ARG A 127 4.99 -8.51 -5.96
N SER A 128 5.73 -9.15 -6.88
CA SER A 128 7.11 -8.71 -7.22
C SER A 128 7.23 -7.23 -7.62
N HIS A 129 6.16 -6.67 -8.20
CA HIS A 129 6.15 -5.26 -8.66
C HIS A 129 5.54 -4.28 -7.63
N ILE A 130 5.15 -4.77 -6.44
CA ILE A 130 4.44 -3.91 -5.47
C ILE A 130 5.21 -3.87 -4.14
N GLY A 131 5.50 -2.67 -3.64
CA GLY A 131 6.07 -2.54 -2.31
C GLY A 131 4.99 -2.03 -1.38
N VAL A 132 4.83 -2.71 -0.27
CA VAL A 132 3.91 -2.31 0.77
C VAL A 132 4.73 -1.63 1.87
N VAL A 133 4.28 -0.44 2.24
CA VAL A 133 4.78 0.26 3.43
C VAL A 133 3.56 0.38 4.40
N PRO A 134 3.46 -0.58 5.37
CA PRO A 134 2.33 -0.68 6.33
C PRO A 134 2.43 0.39 7.40
N GLN A 135 1.35 0.59 8.17
CA GLN A 135 1.42 1.52 9.30
C GLN A 135 2.45 1.12 10.28
N ASP A 136 2.48 -0.19 10.57
CA ASP A 136 3.35 -0.75 11.60
CA ASP A 136 3.35 -0.78 11.61
C ASP A 136 4.42 -1.66 10.96
N THR A 137 5.67 -1.26 11.11
CA THR A 137 6.80 -2.01 10.56
C THR A 137 7.12 -3.28 11.38
N VAL A 138 7.00 -4.44 10.72
CA VAL A 138 7.35 -5.77 11.27
C VAL A 138 8.88 -5.87 11.34
N LEU A 139 9.45 -6.04 12.53
CA LEU A 139 10.90 -6.34 12.62
C LEU A 139 11.08 -7.77 13.05
N PHE A 140 11.95 -8.51 12.37
CA PHE A 140 12.14 -9.90 12.76
C PHE A 140 13.27 -9.95 13.79
N ASN A 141 13.28 -11.00 14.60
CA ASN A 141 14.38 -11.25 15.52
C ASN A 141 15.59 -11.70 14.71
N ASP A 142 16.32 -10.72 14.18
CA ASP A 142 17.40 -10.97 13.25
C ASP A 142 18.28 -9.74 13.20
N THR A 143 19.37 -9.80 12.42
CA THR A 143 20.29 -8.67 12.30
C THR A 143 19.56 -7.54 11.60
N ILE A 144 20.03 -6.31 11.80
CA ILE A 144 19.48 -5.16 11.10
C ILE A 144 19.75 -5.32 9.60
N ALA A 145 20.91 -5.88 9.24
CA ALA A 145 21.18 -6.13 7.81
C ALA A 145 20.09 -6.98 7.21
N ASP A 146 19.82 -8.11 7.85
CA ASP A 146 18.84 -9.05 7.32
C ASP A 146 17.42 -8.52 7.39
N ASN A 147 17.15 -7.61 8.32
CA ASN A 147 15.84 -6.97 8.35
C ASN A 147 15.60 -6.08 7.12
N ILE A 148 16.62 -5.36 6.69
CA ILE A 148 16.54 -4.55 5.52
C ILE A 148 16.50 -5.45 4.28
N ARG A 149 17.36 -6.49 4.28
CA ARG A 149 17.48 -7.40 3.15
C ARG A 149 16.14 -8.06 2.79
N TYR A 150 15.25 -8.18 3.78
CA TYR A 150 13.90 -8.74 3.61
C TYR A 150 13.13 -8.09 2.44
N GLY A 151 13.50 -6.85 2.10
CA GLY A 151 12.92 -6.17 0.92
C GLY A 151 13.20 -6.89 -0.39
N ARG A 152 14.42 -7.44 -0.51
CA ARG A 152 14.83 -8.28 -1.64
C ARG A 152 15.96 -9.22 -1.18
N VAL A 153 15.58 -10.42 -0.77
CA VAL A 153 16.48 -11.38 -0.09
C VAL A 153 17.81 -11.65 -0.82
N THR A 154 17.79 -11.50 -2.15
CA THR A 154 18.94 -11.77 -3.00
C THR A 154 20.06 -10.70 -2.95
N ALA A 155 19.76 -9.54 -2.37
CA ALA A 155 20.69 -8.38 -2.37
C ALA A 155 22.03 -8.61 -1.64
N GLY A 156 23.11 -8.14 -2.26
CA GLY A 156 24.43 -8.16 -1.64
C GLY A 156 24.53 -7.14 -0.54
N ASN A 157 25.45 -7.39 0.39
CA ASN A 157 25.71 -6.46 1.50
C ASN A 157 25.88 -4.98 1.09
N ASP A 158 26.56 -4.72 -0.03
CA ASP A 158 26.72 -3.35 -0.54
C ASP A 158 25.41 -2.64 -0.88
N GLU A 159 24.44 -3.39 -1.38
CA GLU A 159 23.13 -2.83 -1.72
C GLU A 159 22.33 -2.53 -0.46
N VAL A 160 22.45 -3.40 0.55
CA VAL A 160 21.84 -3.24 1.85
C VAL A 160 22.32 -1.95 2.50
N GLU A 161 23.64 -1.75 2.47
CA GLU A 161 24.26 -0.51 2.93
C GLU A 161 23.75 0.72 2.19
N ALA A 162 23.70 0.66 0.86
CA ALA A 162 23.29 1.80 0.06
C ALA A 162 21.80 2.13 0.35
N ALA A 163 20.98 1.10 0.49
CA ALA A 163 19.56 1.25 0.90
C ALA A 163 19.43 1.93 2.29
N ALA A 164 20.21 1.45 3.26
CA ALA A 164 20.30 2.05 4.59
C ALA A 164 20.72 3.52 4.50
N GLN A 165 21.77 3.78 3.71
CA GLN A 165 22.29 5.14 3.48
C GLN A 165 21.23 6.06 2.89
N ALA A 166 20.56 5.57 1.86
CA ALA A 166 19.48 6.33 1.23
C ALA A 166 18.28 6.58 2.17
N ALA A 167 17.98 5.63 3.07
CA ALA A 167 16.83 5.78 3.97
C ALA A 167 17.22 6.61 5.18
N GLY A 168 18.52 6.87 5.33
CA GLY A 168 19.01 7.73 6.42
C GLY A 168 19.27 7.01 7.75
N ILE A 169 19.41 5.69 7.71
CA ILE A 169 19.70 4.96 8.94
CA ILE A 169 19.65 4.90 8.91
C ILE A 169 21.08 4.33 8.97
N HIS A 170 21.88 4.55 7.93
CA HIS A 170 23.24 4.00 7.93
C HIS A 170 24.10 4.48 9.11
N ASP A 171 24.07 5.79 9.38
CA ASP A 171 24.94 6.33 10.42
C ASP A 171 24.52 5.79 11.79
N ALA A 172 23.20 5.70 12.01
CA ALA A 172 22.67 5.14 13.25
C ALA A 172 23.12 3.69 13.42
N ILE A 173 23.07 2.92 12.34
CA ILE A 173 23.47 1.51 12.39
C ILE A 173 24.98 1.38 12.74
N MET A 174 25.80 2.22 12.14
CA MET A 174 27.19 2.29 12.50
C MET A 174 27.40 2.52 14.01
N ALA A 175 26.54 3.31 14.61
CA ALA A 175 26.65 3.62 16.06
C ALA A 175 26.15 2.45 16.94
N PHE A 176 25.45 1.49 16.31
CA PHE A 176 24.93 0.29 16.98
C PHE A 176 26.06 -0.58 17.50
N PRO A 177 25.84 -1.30 18.62
CA PRO A 177 26.96 -2.03 19.23
C PRO A 177 27.66 -3.02 18.27
N GLU A 178 26.91 -3.65 17.37
CA GLU A 178 27.54 -4.57 16.40
C GLU A 178 27.35 -4.15 14.95
N GLY A 179 27.13 -2.85 14.70
CA GLY A 179 26.93 -2.35 13.33
C GLY A 179 25.81 -3.12 12.61
N TYR A 180 26.05 -3.54 11.36
CA TYR A 180 25.02 -4.22 10.56
C TYR A 180 24.63 -5.60 11.11
N ARG A 181 25.48 -6.15 11.95
CA ARG A 181 25.22 -7.46 12.54
C ARG A 181 24.46 -7.32 13.85
N THR A 182 24.13 -6.09 14.25
CA THR A 182 23.30 -5.84 15.43
C THR A 182 21.93 -6.53 15.36
N GLN A 183 21.65 -7.38 16.36
CA GLN A 183 20.36 -8.04 16.48
C GLN A 183 19.32 -7.00 16.85
N VAL A 184 18.24 -6.96 16.08
CA VAL A 184 17.08 -6.13 16.37
C VAL A 184 15.82 -6.98 16.54
N GLY A 185 14.67 -6.31 16.57
CA GLY A 185 13.42 -6.97 16.86
C GLY A 185 13.20 -7.05 18.35
N GLU A 186 12.14 -7.76 18.69
CA GLU A 186 11.70 -8.01 20.04
C GLU A 186 12.78 -8.56 20.96
N ARG A 187 13.54 -9.56 20.51
CA ARG A 187 14.68 -10.10 21.28
C ARG A 187 16.04 -9.45 20.94
N GLY A 188 16.01 -8.22 20.42
CA GLY A 188 17.24 -7.49 20.04
C GLY A 188 17.28 -6.05 20.54
N LEU A 189 18.09 -5.21 19.91
CA LEU A 189 18.19 -3.79 20.26
C LEU A 189 16.87 -3.08 19.96
N LYS A 190 16.42 -2.19 20.86
CA LYS A 190 15.23 -1.36 20.62
C LYS A 190 15.55 -0.23 19.63
N LEU A 191 14.87 -0.23 18.48
CA LEU A 191 14.99 0.89 17.54
C LEU A 191 13.94 1.94 17.91
N SER A 192 14.27 3.22 17.70
CA SER A 192 13.26 4.28 17.85
C SER A 192 12.19 4.13 16.76
N GLY A 193 11.06 4.82 16.93
CA GLY A 193 10.03 4.89 15.93
C GLY A 193 10.55 5.42 14.58
N GLY A 194 11.48 6.37 14.61
CA GLY A 194 12.09 6.90 13.38
C GLY A 194 12.89 5.84 12.66
N GLU A 195 13.74 5.13 13.41
CA GLU A 195 14.57 4.07 12.83
C GLU A 195 13.72 2.95 12.24
N LYS A 196 12.70 2.55 12.98
CA LYS A 196 11.79 1.49 12.54
CA LYS A 196 11.82 1.48 12.51
C LYS A 196 11.18 1.89 11.19
N GLN A 197 10.66 3.12 11.13
CA GLN A 197 10.06 3.57 9.89
C GLN A 197 11.08 3.56 8.74
N ARG A 198 12.31 3.98 9.02
CA ARG A 198 13.36 4.01 8.01
C ARG A 198 13.76 2.60 7.51
N VAL A 199 13.63 1.59 8.38
CA VAL A 199 13.81 0.20 7.95
C VAL A 199 12.82 -0.15 6.85
N ALA A 200 11.52 0.21 7.04
CA ALA A 200 10.50 -0.02 6.04
C ALA A 200 10.92 0.65 4.73
N ILE A 201 11.42 1.88 4.81
CA ILE A 201 11.78 2.61 3.61
C ILE A 201 12.96 1.91 2.90
N ALA A 202 13.96 1.48 3.66
CA ALA A 202 15.14 0.82 3.08
C ALA A 202 14.76 -0.50 2.43
N ARG A 203 13.81 -1.22 3.04
CA ARG A 203 13.24 -2.43 2.43
C ARG A 203 12.67 -2.13 1.07
N THR A 204 11.99 -1.00 0.99
CA THR A 204 11.26 -0.64 -0.22
C THR A 204 12.24 -0.22 -1.33
N ILE A 205 13.24 0.57 -0.94
CA ILE A 205 14.34 0.95 -1.82
C ILE A 205 15.01 -0.29 -2.44
N LEU A 206 15.34 -1.26 -1.59
CA LEU A 206 15.91 -2.54 -2.04
C LEU A 206 14.99 -3.31 -3.00
N LYS A 207 13.67 -3.31 -2.75
CA LYS A 207 12.75 -3.96 -3.68
C LYS A 207 12.63 -3.24 -5.04
N ALA A 208 12.74 -1.91 -5.02
CA ALA A 208 12.63 -1.12 -6.26
C ALA A 208 11.34 -1.45 -7.03
N PRO A 209 10.17 -1.39 -6.33
CA PRO A 209 8.96 -1.83 -7.03
C PRO A 209 8.45 -0.70 -7.95
N GLY A 210 7.61 -1.03 -8.95
CA GLY A 210 7.00 0.02 -9.79
C GLY A 210 5.73 0.63 -9.20
N ILE A 211 5.16 -0.06 -8.20
CA ILE A 211 3.98 0.35 -7.48
C ILE A 211 4.21 0.37 -5.96
N ILE A 212 3.78 1.43 -5.28
CA ILE A 212 3.88 1.51 -3.81
C ILE A 212 2.50 1.63 -3.18
N LEU A 213 2.22 0.79 -2.18
CA LEU A 213 0.98 0.90 -1.40
C LEU A 213 1.40 1.33 -0.01
N LEU A 214 1.00 2.54 0.37
CA LEU A 214 1.44 3.14 1.61
C LEU A 214 0.23 3.30 2.52
N ASP A 215 0.33 2.82 3.75
CA ASP A 215 -0.71 3.07 4.73
C ASP A 215 -0.05 3.91 5.82
N GLU A 216 -0.39 5.20 5.87
CA GLU A 216 0.24 6.13 6.79
C GLU A 216 -0.13 5.86 8.21
N ALA A 217 0.85 6.05 9.09
CA ALA A 217 0.65 5.87 10.51
C ALA A 217 -0.24 6.95 11.09
N THR A 218 -0.99 6.66 12.13
CA THR A 218 -1.72 7.70 12.82
C THR A 218 -0.90 8.42 13.90
N SER A 219 0.14 7.77 14.42
CA SER A 219 1.06 8.48 15.32
C SER A 219 2.08 9.33 14.51
N ALA A 220 2.78 10.22 15.21
CA ALA A 220 3.74 11.15 14.60
C ALA A 220 4.92 11.23 15.48
N LEU A 221 6.04 11.65 14.90
CA LEU A 221 7.26 11.84 15.65
C LEU A 221 7.54 13.34 15.87
N ASP A 222 8.68 13.70 16.45
CA ASP A 222 9.00 15.13 16.57
C ASP A 222 8.95 15.78 15.19
N THR A 223 8.83 17.10 15.18
CA THR A 223 8.75 17.88 13.95
C THR A 223 9.93 17.55 12.99
N SER A 224 11.14 17.53 13.53
CA SER A 224 12.32 17.36 12.72
C SER A 224 12.31 16.02 12.00
N ASN A 225 12.18 14.94 12.78
CA ASN A 225 11.98 13.60 12.25
C ASN A 225 10.82 13.39 11.33
N GLU A 226 9.65 13.96 11.65
CA GLU A 226 8.48 13.82 10.76
C GLU A 226 8.82 14.36 9.37
N ARG A 227 9.37 15.57 9.36
CA ARG A 227 9.69 16.23 8.10
C ARG A 227 10.70 15.41 7.31
N ALA A 228 11.76 14.95 7.97
CA ALA A 228 12.77 14.08 7.36
C ALA A 228 12.15 12.76 6.84
N ILE A 229 11.34 12.07 7.65
CA ILE A 229 10.68 10.83 7.18
C ILE A 229 9.72 11.13 6.03
N GLN A 230 8.90 12.17 6.20
CA GLN A 230 7.97 12.50 5.11
C GLN A 230 8.72 12.79 3.84
N ALA A 231 9.87 13.46 3.95
CA ALA A 231 10.74 13.69 2.79
C ALA A 231 11.32 12.42 2.17
N SER A 232 11.83 11.49 2.98
CA SER A 232 12.30 10.18 2.47
C SER A 232 11.16 9.46 1.75
N LEU A 233 9.99 9.35 2.38
CA LEU A 233 8.83 8.67 1.76
C LEU A 233 8.47 9.31 0.44
N ALA A 234 8.35 10.65 0.44
CA ALA A 234 8.12 11.42 -0.81
C ALA A 234 9.13 11.03 -1.90
N LYS A 235 10.39 10.92 -1.51
CA LYS A 235 11.46 10.53 -2.42
C LYS A 235 11.39 9.09 -3.00
N VAL A 236 11.10 8.08 -2.16
CA VAL A 236 10.97 6.70 -2.66
C VAL A 236 9.70 6.49 -3.54
N CYS A 237 8.70 7.34 -3.34
CA CYS A 237 7.48 7.29 -4.13
C CYS A 237 7.63 8.05 -5.43
N ALA A 238 8.69 8.85 -5.54
CA ALA A 238 8.93 9.61 -6.76
C ALA A 238 9.09 8.67 -7.92
N ASN A 239 8.40 9.00 -9.01
CA ASN A 239 8.42 8.21 -10.24
C ASN A 239 7.75 6.85 -10.17
N ARG A 240 7.02 6.59 -9.09
CA ARG A 240 6.38 5.30 -8.92
C ARG A 240 4.91 5.51 -8.74
N THR A 241 4.11 4.63 -9.29
CA THR A 241 2.67 4.70 -9.07
C THR A 241 2.34 4.42 -7.61
N THR A 242 1.66 5.36 -6.94
CA THR A 242 1.51 5.26 -5.50
C THR A 242 0.05 5.38 -5.07
N ILE A 243 -0.43 4.43 -4.25
CA ILE A 243 -1.75 4.59 -3.65
C ILE A 243 -1.49 4.72 -2.15
N VAL A 244 -1.98 5.79 -1.55
CA VAL A 244 -1.76 5.96 -0.11
C VAL A 244 -3.06 6.14 0.68
N VAL A 245 -3.21 5.39 1.76
CA VAL A 245 -4.27 5.66 2.72
C VAL A 245 -3.71 6.75 3.64
N ALA A 246 -4.19 7.96 3.43
CA ALA A 246 -3.51 9.17 3.94
C ALA A 246 -4.08 9.69 5.25
N HIS A 247 -3.20 10.16 6.14
CA HIS A 247 -3.61 10.87 7.36
C HIS A 247 -3.02 12.25 7.42
N ARG A 248 -1.85 12.42 6.82
CA ARG A 248 -1.12 13.71 6.87
CA ARG A 248 -1.12 13.70 6.89
C ARG A 248 -1.67 14.67 5.83
N LEU A 249 -1.89 15.93 6.24
CA LEU A 249 -2.34 16.96 5.28
C LEU A 249 -1.36 17.13 4.13
N SER A 250 -0.05 17.07 4.38
CA SER A 250 0.93 17.33 3.28
C SER A 250 0.79 16.29 2.17
N THR A 251 0.49 15.06 2.56
CA THR A 251 0.36 13.96 1.62
C THR A 251 -0.81 14.22 0.69
N VAL A 252 -1.90 14.72 1.25
CA VAL A 252 -3.10 14.99 0.48
C VAL A 252 -2.98 16.18 -0.42
N VAL A 253 -2.43 17.30 0.11
CA VAL A 253 -2.19 18.52 -0.68
C VAL A 253 -1.34 18.26 -1.92
N ASN A 254 -0.42 17.30 -1.79
CA ASN A 254 0.56 17.02 -2.83
C ASN A 254 0.16 15.87 -3.81
N ALA A 255 -0.94 15.18 -3.54
CA ALA A 255 -1.39 14.05 -4.35
C ALA A 255 -1.85 14.50 -5.73
N ASP A 256 -1.67 13.64 -6.74
CA ASP A 256 -2.18 13.91 -8.09
C ASP A 256 -3.73 13.80 -8.10
N GLN A 257 -4.27 12.97 -7.21
CA GLN A 257 -5.71 12.78 -7.15
C GLN A 257 -6.08 12.30 -5.73
N ILE A 258 -7.27 12.74 -5.29
CA ILE A 258 -7.75 12.41 -3.95
C ILE A 258 -9.09 11.72 -4.14
N LEU A 259 -9.30 10.56 -3.50
CA LEU A 259 -10.65 9.94 -3.44
C LEU A 259 -11.16 10.04 -2.04
N VAL A 260 -12.32 10.67 -1.86
CA VAL A 260 -13.01 10.69 -0.56
C VAL A 260 -13.96 9.45 -0.52
N ILE A 261 -13.70 8.55 0.42
CA ILE A 261 -14.44 7.29 0.54
C ILE A 261 -15.27 7.36 1.82
N LYS A 262 -16.59 7.14 1.72
CA LYS A 262 -17.47 7.00 2.86
C LYS A 262 -18.37 5.80 2.60
N ASP A 263 -18.43 4.89 3.57
CA ASP A 263 -19.29 3.70 3.51
C ASP A 263 -19.07 2.92 2.21
N GLY A 264 -17.79 2.73 1.87
CA GLY A 264 -17.41 1.96 0.69
C GLY A 264 -17.64 2.60 -0.67
N CYS A 265 -18.01 3.89 -0.68
CA CYS A 265 -18.29 4.62 -1.92
C CYS A 265 -17.36 5.79 -2.13
N ILE A 266 -16.96 6.03 -3.37
CA ILE A 266 -16.26 7.30 -3.68
C ILE A 266 -17.28 8.43 -3.83
N VAL A 267 -17.30 9.35 -2.86
CA VAL A 267 -18.35 10.37 -2.82
C VAL A 267 -17.89 11.65 -3.48
N GLU A 268 -16.58 11.82 -3.57
CA GLU A 268 -16.03 12.92 -4.34
C GLU A 268 -14.60 12.68 -4.66
N ARG A 269 -14.12 13.37 -5.70
CA ARG A 269 -12.75 13.17 -6.15
C ARG A 269 -12.19 14.38 -6.90
N GLY A 270 -10.87 14.55 -6.80
CA GLY A 270 -10.15 15.48 -7.66
C GLY A 270 -8.87 15.86 -6.92
N ARG A 271 -8.15 16.85 -7.46
CA ARG A 271 -6.98 17.40 -6.74
CA ARG A 271 -6.99 17.48 -6.78
C ARG A 271 -7.41 18.26 -5.53
N HIS A 272 -6.49 18.46 -4.58
CA HIS A 272 -6.75 19.25 -3.35
C HIS A 272 -7.48 20.59 -3.66
N GLU A 273 -6.91 21.37 -4.58
CA GLU A 273 -7.42 22.72 -4.79
C GLU A 273 -8.82 22.67 -5.43
N ALA A 274 -9.03 21.71 -6.33
CA ALA A 274 -10.35 21.49 -6.97
C ALA A 274 -11.42 21.03 -5.92
N LEU A 275 -11.02 20.22 -4.95
CA LEU A 275 -12.00 19.76 -3.93
C LEU A 275 -12.33 20.87 -2.93
N LEU A 276 -11.34 21.72 -2.61
CA LEU A 276 -11.67 22.89 -1.82
C LEU A 276 -12.67 23.78 -2.56
N SER A 277 -12.47 24.06 -3.84
CA SER A 277 -13.36 25.01 -4.47
C SER A 277 -14.70 24.36 -4.80
N ARG A 278 -14.71 23.02 -4.88
CA ARG A 278 -15.98 22.31 -5.04
C ARG A 278 -16.94 22.62 -3.86
N GLY A 279 -16.36 22.79 -2.68
CA GLY A 279 -17.09 23.11 -1.48
C GLY A 279 -17.99 21.99 -0.96
N GLY A 280 -17.58 20.74 -1.06
CA GLY A 280 -18.32 19.62 -0.45
C GLY A 280 -17.71 19.06 0.84
N VAL A 281 -17.74 17.73 1.01
CA VAL A 281 -17.32 17.00 2.22
CA VAL A 281 -17.35 17.13 2.27
C VAL A 281 -15.83 17.22 2.55
N TYR A 282 -14.97 17.10 1.53
CA TYR A 282 -13.56 17.38 1.70
C TYR A 282 -13.33 18.82 2.16
N ALA A 283 -14.03 19.79 1.53
CA ALA A 283 -13.88 21.20 1.88
C ALA A 283 -14.31 21.42 3.31
N ASP A 284 -15.41 20.78 3.70
CA ASP A 284 -15.89 20.87 5.10
C ASP A 284 -14.86 20.34 6.07
N MET A 285 -14.26 19.20 5.75
CA MET A 285 -13.20 18.63 6.58
C MET A 285 -12.05 19.65 6.69
N TRP A 286 -11.65 20.25 5.56
CA TRP A 286 -10.54 21.20 5.57
C TRP A 286 -10.83 22.43 6.44
N GLN A 287 -12.04 22.96 6.33
CA GLN A 287 -12.48 24.06 7.17
C GLN A 287 -12.49 23.67 8.66
N LEU A 288 -12.93 22.45 8.99
CA LEU A 288 -12.90 21.96 10.37
C LEU A 288 -11.45 21.88 10.88
N GLN A 289 -10.53 21.31 10.10
CA GLN A 289 -9.11 21.24 10.54
C GLN A 289 -8.45 22.61 10.75
N GLN A 290 -8.81 23.59 9.90
CA GLN A 290 -8.24 24.94 9.97
C GLN A 290 -8.56 25.68 11.24
N GLY A 291 -9.80 25.59 11.67
CA GLY A 291 -10.25 26.27 12.89
C GLY A 291 -10.93 27.59 12.60
N GLN A 292 -11.63 28.13 13.61
CA GLN A 292 -12.28 29.43 13.51
C GLN A 292 -11.22 30.51 13.48
C1 BME B . -1.09 -3.58 2.53
C2 BME B . -1.62 -4.53 1.48
O1 BME B . -2.14 -2.86 3.15
S2 BME B . -1.63 -6.25 2.08
C1 BME C . 4.74 11.83 0.73
C2 BME C . 4.10 10.44 0.72
O1 BME C . 5.06 12.21 2.09
S2 BME C . 3.53 10.00 -0.95
#